data_5XY9
#
_entry.id   5XY9
#
_cell.length_a   72.994
_cell.length_b   84.734
_cell.length_c   111.859
_cell.angle_alpha   90.00
_cell.angle_beta   90.00
_cell.angle_gamma   90.00
#
_symmetry.space_group_name_H-M   'P 21 21 21'
#
loop_
_entity.id
_entity.type
_entity.pdbx_description
1 polymer '14-3-3 protein zeta/delta'
2 polymer 'Peptide from Serine/threonine-protein kinase 26'
3 non-polymer GLYCEROL
4 non-polymer 2-{2-[2-(2-{2-[2-(2-ETHOXY-ETHOXY)-ETHOXY]-ETHOXY}-ETHOXY)-ETHOXY]-ETHOXY}-ETHANOL
5 water water
#
loop_
_entity_poly.entity_id
_entity_poly.type
_entity_poly.pdbx_seq_one_letter_code
_entity_poly.pdbx_strand_id
1 'polypeptide(L)'
;MSYYHHHHHHLESTSLYKKAGLMDKNELVQKAKLAEQAERYDDMAACMKSVTEQGAELSNEERNLLSVAYKNVVGARRSS
WRVVSSIEQKTEGAEKKQQMAREYREKIETELRDICNDVLSLLEKFLIPNASQAESKVFYLKMKGDYYRYLAEVAAGDDK
KGIVDQSQQAYQEAFEISKKEMQPTHPIRLGLALNFSVFYYEILNSPEKACSLAKTAFDEAIAELDTLSEESYKDSTLIM
QLLRDNLTLWTSDTQGDEAEAGEGGEN
;
A,B
2 'polypeptide(L)' TSRENN(TPO)HPEWS C,D
#
loop_
_chem_comp.id
_chem_comp.type
_chem_comp.name
_chem_comp.formula
GOL non-polymer GLYCEROL 'C3 H8 O3'
PE4 non-polymer 2-{2-[2-(2-{2-[2-(2-ETHOXY-ETHOXY)-ETHOXY]-ETHOXY}-ETHOXY)-ETHOXY]-ETHOXY}-ETHANOL 'C16 H34 O8'
#
# COMPACT_ATOMS: atom_id res chain seq x y z
N MET A 23 -0.36 30.96 -10.39
CA MET A 23 0.32 29.76 -10.87
C MET A 23 0.29 28.68 -9.81
N ASP A 24 -0.42 28.96 -8.71
CA ASP A 24 -0.54 27.98 -7.64
C ASP A 24 -1.15 26.68 -8.13
N LYS A 25 -2.04 26.75 -9.12
CA LYS A 25 -2.69 25.54 -9.63
C LYS A 25 -1.69 24.63 -10.32
N ASN A 26 -0.84 25.19 -11.18
CA ASN A 26 0.14 24.36 -11.88
C ASN A 26 1.21 23.82 -10.94
N GLU A 27 1.49 24.54 -9.86
CA GLU A 27 2.39 24.03 -8.84
C GLU A 27 1.73 22.87 -8.09
N LEU A 28 0.43 22.98 -7.80
CA LEU A 28 -0.25 21.90 -7.12
C LEU A 28 -0.34 20.66 -8.01
N VAL A 29 -0.51 20.85 -9.31
CA VAL A 29 -0.60 19.72 -10.22
C VAL A 29 0.72 18.96 -10.28
N GLN A 30 1.83 19.70 -10.34
CA GLN A 30 3.15 19.07 -10.39
C GLN A 30 3.45 18.33 -9.10
N LYS A 31 3.07 18.89 -7.96
CA LYS A 31 3.24 18.19 -6.69
C LYS A 31 2.42 16.90 -6.65
N ALA A 32 1.24 16.89 -7.25
CA ALA A 32 0.42 15.68 -7.27
C ALA A 32 1.07 14.56 -8.08
N LYS A 33 1.77 14.90 -9.16
CA LYS A 33 2.42 13.85 -9.92
C LYS A 33 3.68 13.37 -9.24
N LEU A 34 4.29 14.23 -8.43
CA LEU A 34 5.36 13.79 -7.55
C LEU A 34 4.83 12.76 -6.56
N ALA A 35 3.69 13.06 -5.94
CA ALA A 35 3.09 12.12 -4.99
C ALA A 35 2.77 10.80 -5.66
N GLU A 36 2.26 10.84 -6.89
CA GLU A 36 1.87 9.58 -7.54
C GLU A 36 3.11 8.74 -7.83
N GLN A 37 4.20 9.40 -8.21
CA GLN A 37 5.42 8.67 -8.49
C GLN A 37 5.94 7.99 -7.24
N ALA A 38 5.65 8.58 -6.08
CA ALA A 38 6.04 8.08 -4.79
C ALA A 38 4.99 7.19 -4.15
N GLU A 39 3.89 6.92 -4.85
CA GLU A 39 2.80 6.10 -4.31
C GLU A 39 2.32 6.66 -2.97
N ARG A 40 2.26 7.98 -2.87
CA ARG A 40 1.74 8.65 -1.68
C ARG A 40 0.39 9.26 -2.07
N TYR A 41 -0.64 8.42 -2.12
CA TYR A 41 -1.91 8.80 -2.72
C TYR A 41 -2.74 9.73 -1.84
N ASP A 42 -2.52 9.75 -0.53
CA ASP A 42 -3.15 10.80 0.26
C ASP A 42 -2.69 12.18 -0.18
N ASP A 43 -1.36 12.37 -0.32
CA ASP A 43 -0.82 13.64 -0.79
C ASP A 43 -1.36 13.96 -2.17
N MET A 44 -1.40 12.98 -3.04
CA MET A 44 -1.89 13.18 -4.38
C MET A 44 -3.30 13.68 -4.35
N ALA A 45 -4.14 13.07 -3.57
CA ALA A 45 -5.53 13.49 -3.49
C ALA A 45 -5.68 14.87 -2.88
N ALA A 46 -4.86 15.20 -1.87
CA ALA A 46 -4.99 16.51 -1.26
C ALA A 46 -4.61 17.62 -2.24
N CYS A 47 -3.60 17.37 -3.09
CA CYS A 47 -3.23 18.35 -4.12
C CYS A 47 -4.38 18.58 -5.08
N MET A 48 -5.00 17.51 -5.55
CA MET A 48 -6.01 17.67 -6.58
C MET A 48 -7.36 18.06 -6.02
N LYS A 49 -7.58 17.86 -4.72
CA LYS A 49 -8.72 18.52 -4.09
C LYS A 49 -8.52 20.02 -4.08
N SER A 50 -7.31 20.47 -3.71
CA SER A 50 -6.99 21.89 -3.73
C SER A 50 -7.14 22.47 -5.13
N VAL A 51 -6.70 21.73 -6.15
CA VAL A 51 -6.84 22.22 -7.52
C VAL A 51 -8.32 22.38 -7.85
N THR A 52 -9.12 21.34 -7.55
CA THR A 52 -10.54 21.39 -7.85
C THR A 52 -11.22 22.54 -7.11
N GLU A 53 -10.90 22.72 -5.83
CA GLU A 53 -11.54 23.75 -5.03
C GLU A 53 -11.25 25.15 -5.52
N GLN A 54 -10.30 25.33 -6.43
CA GLN A 54 -10.08 26.65 -6.98
C GLN A 54 -11.15 27.04 -8.00
N GLY A 55 -12.16 26.19 -8.20
CA GLY A 55 -13.37 26.58 -8.89
C GLY A 55 -13.34 26.41 -10.39
N ALA A 56 -12.17 26.44 -11.01
CA ALA A 56 -12.08 26.35 -12.45
C ALA A 56 -12.27 24.91 -12.91
N GLU A 57 -12.92 24.77 -14.06
CA GLU A 57 -13.07 23.46 -14.70
C GLU A 57 -11.71 22.80 -14.92
N LEU A 58 -11.63 21.53 -14.57
CA LEU A 58 -10.40 20.75 -14.71
C LEU A 58 -10.19 20.30 -16.15
N SER A 59 -8.93 20.27 -16.56
CA SER A 59 -8.55 19.65 -17.84
C SER A 59 -8.60 18.13 -17.71
N ASN A 60 -8.39 17.46 -18.85
CA ASN A 60 -8.39 16.00 -18.85
C ASN A 60 -7.26 15.45 -18.02
N GLU A 61 -6.10 16.11 -18.05
CA GLU A 61 -4.97 15.66 -17.24
C GLU A 61 -5.28 15.80 -15.75
N GLU A 62 -5.87 16.92 -15.35
CA GLU A 62 -6.19 17.11 -13.94
C GLU A 62 -7.32 16.18 -13.51
N ARG A 63 -8.34 16.02 -14.36
CA ARG A 63 -9.42 15.07 -14.11
C ARG A 63 -8.87 13.68 -13.81
N ASN A 64 -7.93 13.22 -14.63
CA ASN A 64 -7.43 11.86 -14.45
C ASN A 64 -6.61 11.75 -13.17
N LEU A 65 -5.83 12.78 -12.83
CA LEU A 65 -5.07 12.66 -11.59
C LEU A 65 -5.97 12.77 -10.37
N LEU A 66 -7.02 13.58 -10.44
CA LEU A 66 -8.01 13.56 -9.36
C LEU A 66 -8.63 12.19 -9.25
N SER A 67 -8.90 11.57 -10.40
CA SER A 67 -9.51 10.25 -10.42
C SER A 67 -8.56 9.19 -9.89
N VAL A 68 -7.31 9.18 -10.36
CA VAL A 68 -6.38 8.12 -9.95
C VAL A 68 -6.15 8.19 -8.45
N ALA A 69 -5.92 9.40 -7.92
CA ALA A 69 -5.69 9.60 -6.49
C ALA A 69 -6.80 8.99 -5.64
N TYR A 70 -8.03 9.48 -5.80
CA TYR A 70 -9.10 9.06 -4.91
C TYR A 70 -9.44 7.59 -5.13
N LYS A 71 -9.25 7.07 -6.33
CA LYS A 71 -9.41 5.64 -6.52
C LYS A 71 -8.47 4.83 -5.63
N ASN A 72 -7.22 5.28 -5.51
CA ASN A 72 -6.26 4.52 -4.68
C ASN A 72 -6.54 4.70 -3.20
N VAL A 73 -6.87 5.91 -2.75
CA VAL A 73 -7.18 6.09 -1.34
C VAL A 73 -8.45 5.33 -0.96
N VAL A 74 -9.50 5.37 -1.80
CA VAL A 74 -10.70 4.63 -1.46
C VAL A 74 -10.47 3.14 -1.66
N GLY A 75 -9.64 2.77 -2.64
CA GLY A 75 -9.42 1.36 -2.92
C GLY A 75 -8.77 0.65 -1.77
N ALA A 76 -7.86 1.35 -1.07
CA ALA A 76 -7.21 0.76 0.09
C ALA A 76 -8.24 0.39 1.14
N ARG A 77 -9.19 1.30 1.43
CA ARG A 77 -10.20 1.03 2.46
C ARG A 77 -11.19 -0.03 2.03
N ARG A 78 -11.62 -0.02 0.77
CA ARG A 78 -12.50 -1.09 0.31
C ARG A 78 -11.85 -2.45 0.50
N SER A 79 -10.57 -2.54 0.15
CA SER A 79 -9.84 -3.79 0.22
C SER A 79 -9.74 -4.25 1.67
N SER A 80 -9.28 -3.36 2.55
CA SER A 80 -9.25 -3.66 3.96
C SER A 80 -10.63 -4.04 4.48
N TRP A 81 -11.67 -3.35 3.98
CA TRP A 81 -13.02 -3.63 4.45
C TRP A 81 -13.43 -5.05 4.11
N ARG A 82 -13.11 -5.52 2.90
CA ARG A 82 -13.50 -6.87 2.52
C ARG A 82 -12.73 -7.91 3.32
N VAL A 83 -11.47 -7.64 3.64
CA VAL A 83 -10.69 -8.61 4.41
C VAL A 83 -11.29 -8.79 5.79
N VAL A 84 -11.52 -7.67 6.49
CA VAL A 84 -12.04 -7.74 7.84
C VAL A 84 -13.48 -8.21 7.84
N SER A 85 -14.26 -7.84 6.81
CA SER A 85 -15.62 -8.32 6.75
C SER A 85 -15.66 -9.83 6.61
N SER A 86 -14.74 -10.40 5.83
CA SER A 86 -14.73 -11.86 5.71
C SER A 86 -14.26 -12.50 7.01
N ILE A 87 -13.32 -11.86 7.71
CA ILE A 87 -12.88 -12.39 8.99
C ILE A 87 -14.03 -12.37 9.99
N GLU A 88 -14.86 -11.32 9.99
CA GLU A 88 -15.91 -11.29 11.00
C GLU A 88 -17.00 -12.29 10.66
N GLN A 89 -17.14 -12.65 9.38
CA GLN A 89 -18.05 -13.74 9.02
C GLN A 89 -17.46 -15.08 9.44
N LYS A 90 -16.16 -15.27 9.26
CA LYS A 90 -15.59 -16.57 9.58
C LYS A 90 -15.39 -16.78 11.09
N THR A 91 -15.75 -15.80 11.92
CA THR A 91 -15.59 -15.92 13.37
C THR A 91 -16.94 -15.99 14.07
N GLU A 92 -17.99 -16.37 13.35
CA GLU A 92 -19.26 -16.71 13.97
C GLU A 92 -19.03 -17.77 15.06
N GLY A 93 -19.67 -17.57 16.21
CA GLY A 93 -19.52 -18.49 17.32
C GLY A 93 -18.29 -18.25 18.17
N ALA A 94 -17.42 -17.32 17.78
CA ALA A 94 -16.28 -16.91 18.59
C ALA A 94 -16.55 -15.46 18.93
N GLU A 95 -17.20 -15.25 20.07
CA GLU A 95 -17.77 -13.95 20.39
C GLU A 95 -16.71 -12.86 20.44
N LYS A 96 -15.63 -13.07 21.19
CA LYS A 96 -14.68 -11.97 21.36
C LYS A 96 -13.96 -11.63 20.07
N LYS A 97 -13.63 -12.63 19.24
CA LYS A 97 -12.95 -12.32 17.98
C LYS A 97 -13.89 -11.63 17.01
N GLN A 98 -15.16 -12.06 16.96
CA GLN A 98 -16.08 -11.47 16.01
C GLN A 98 -16.41 -10.02 16.38
N GLN A 99 -16.53 -9.71 17.68
CA GLN A 99 -16.78 -8.34 18.08
C GLN A 99 -15.60 -7.43 17.73
N MET A 100 -14.38 -7.96 17.79
CA MET A 100 -13.22 -7.15 17.45
C MET A 100 -13.16 -6.89 15.97
N ALA A 101 -13.45 -7.91 15.16
CA ALA A 101 -13.52 -7.72 13.72
C ALA A 101 -14.59 -6.72 13.34
N ARG A 102 -15.76 -6.81 14.00
N ARG A 102 -15.77 -6.80 13.99
CA ARG A 102 -16.86 -5.88 13.71
CA ARG A 102 -16.83 -5.85 13.66
C ARG A 102 -16.46 -4.45 14.01
C ARG A 102 -16.41 -4.43 13.99
N GLU A 103 -15.90 -4.20 15.20
CA GLU A 103 -15.52 -2.86 15.60
C GLU A 103 -14.42 -2.31 14.72
N TYR A 104 -13.51 -3.17 14.26
CA TYR A 104 -12.49 -2.72 13.31
C TYR A 104 -13.12 -2.44 11.96
N ARG A 105 -14.03 -3.31 11.52
CA ARG A 105 -14.72 -3.09 10.27
C ARG A 105 -15.47 -1.76 10.30
N GLU A 106 -16.09 -1.43 11.44
CA GLU A 106 -16.79 -0.14 11.54
C GLU A 106 -15.83 1.04 11.49
N LYS A 107 -14.61 0.88 12.02
CA LYS A 107 -13.63 1.96 11.95
C LYS A 107 -13.24 2.23 10.50
N ILE A 108 -12.99 1.17 9.74
CA ILE A 108 -12.66 1.30 8.33
C ILE A 108 -13.82 1.94 7.58
N GLU A 109 -15.05 1.57 7.91
CA GLU A 109 -16.23 2.12 7.23
C GLU A 109 -16.31 3.64 7.41
N THR A 110 -16.08 4.11 8.63
CA THR A 110 -16.06 5.54 8.88
C THR A 110 -15.04 6.23 7.98
N GLU A 111 -13.84 5.65 7.83
CA GLU A 111 -12.86 6.21 6.90
C GLU A 111 -13.39 6.14 5.47
N LEU A 112 -13.96 5.00 5.10
CA LEU A 112 -14.46 4.80 3.75
C LEU A 112 -15.54 5.81 3.42
N ARG A 113 -16.42 6.10 4.39
CA ARG A 113 -17.53 7.02 4.16
C ARG A 113 -17.06 8.46 4.04
N ASP A 114 -16.14 8.88 4.90
CA ASP A 114 -15.61 10.24 4.82
C ASP A 114 -14.94 10.48 3.48
N ILE A 115 -14.24 9.48 2.95
CA ILE A 115 -13.60 9.62 1.64
C ILE A 115 -14.65 9.80 0.55
N CYS A 116 -15.59 8.86 0.46
CA CYS A 116 -16.67 8.97 -0.51
C CYS A 116 -17.40 10.29 -0.40
N ASN A 117 -17.73 10.72 0.82
CA ASN A 117 -18.45 11.97 0.98
C ASN A 117 -17.60 13.16 0.54
N ASP A 118 -16.28 13.04 0.68
CA ASP A 118 -15.36 14.08 0.23
C ASP A 118 -15.43 14.23 -1.27
N VAL A 119 -15.35 13.11 -1.99
CA VAL A 119 -15.45 13.11 -3.44
C VAL A 119 -16.81 13.62 -3.89
N LEU A 120 -17.88 13.06 -3.31
CA LEU A 120 -19.22 13.43 -3.74
C LEU A 120 -19.48 14.93 -3.52
N SER A 121 -18.86 15.54 -2.52
CA SER A 121 -18.98 16.98 -2.37
C SER A 121 -18.28 17.71 -3.53
N LEU A 122 -17.06 17.28 -3.88
CA LEU A 122 -16.36 17.91 -5.00
C LEU A 122 -17.17 17.78 -6.28
N LEU A 123 -17.77 16.60 -6.49
CA LEU A 123 -18.56 16.40 -7.70
C LEU A 123 -19.76 17.32 -7.74
N GLU A 124 -20.41 17.56 -6.59
CA GLU A 124 -21.62 18.36 -6.66
C GLU A 124 -21.33 19.85 -6.52
N LYS A 125 -20.28 20.22 -5.80
CA LYS A 125 -20.00 21.63 -5.60
C LYS A 125 -19.22 22.20 -6.77
N PHE A 126 -18.42 21.38 -7.46
CA PHE A 126 -17.50 21.90 -8.45
C PHE A 126 -17.61 21.20 -9.80
N LEU A 127 -17.45 19.88 -9.82
CA LEU A 127 -17.13 19.24 -11.10
C LEU A 127 -18.35 19.07 -12.00
N ILE A 128 -19.47 18.63 -11.44
CA ILE A 128 -20.66 18.44 -12.28
C ILE A 128 -21.18 19.81 -12.74
N PRO A 129 -21.41 20.77 -11.85
CA PRO A 129 -21.94 22.07 -12.33
C PRO A 129 -21.02 22.81 -13.28
N ASN A 130 -19.73 22.49 -13.29
CA ASN A 130 -18.80 23.15 -14.20
C ASN A 130 -18.60 22.38 -15.49
N ALA A 131 -19.15 21.17 -15.61
CA ALA A 131 -18.92 20.36 -16.80
C ALA A 131 -19.55 21.06 -18.00
N SER A 132 -18.71 21.66 -18.85
CA SER A 132 -19.21 22.34 -20.03
C SER A 132 -19.54 21.35 -21.16
N GLN A 133 -18.82 20.23 -21.24
CA GLN A 133 -18.91 19.31 -22.36
C GLN A 133 -19.58 17.99 -22.00
N ALA A 134 -20.19 17.36 -23.01
CA ALA A 134 -20.87 16.09 -22.77
C ALA A 134 -19.91 15.06 -22.19
N GLU A 135 -18.69 15.00 -22.72
CA GLU A 135 -17.73 14.00 -22.24
C GLU A 135 -17.43 14.20 -20.76
N SER A 136 -17.12 15.43 -20.37
CA SER A 136 -16.90 15.73 -18.96
C SER A 136 -18.12 15.33 -18.13
N LYS A 137 -19.31 15.66 -18.62
CA LYS A 137 -20.51 15.40 -17.84
C LYS A 137 -20.71 13.91 -17.60
N VAL A 138 -20.53 13.06 -18.62
CA VAL A 138 -20.76 11.66 -18.31
C VAL A 138 -19.62 11.10 -17.45
N PHE A 139 -18.39 11.61 -17.61
CA PHE A 139 -17.31 11.17 -16.74
C PHE A 139 -17.63 11.42 -15.28
N TYR A 140 -18.00 12.65 -14.95
CA TYR A 140 -18.28 12.99 -13.56
C TYR A 140 -19.56 12.34 -13.07
N LEU A 141 -20.54 12.10 -13.95
CA LEU A 141 -21.71 11.38 -13.46
C LEU A 141 -21.40 9.90 -13.24
N LYS A 142 -20.58 9.30 -14.10
CA LYS A 142 -20.11 7.95 -13.82
C LYS A 142 -19.42 7.92 -12.47
N MET A 143 -18.56 8.91 -12.22
CA MET A 143 -17.83 9.00 -10.96
C MET A 143 -18.80 9.13 -9.78
N LYS A 144 -19.86 9.91 -9.96
CA LYS A 144 -20.87 10.03 -8.92
C LYS A 144 -21.56 8.69 -8.66
N GLY A 145 -21.83 7.92 -9.71
CA GLY A 145 -22.43 6.59 -9.50
C GLY A 145 -21.46 5.64 -8.82
N ASP A 146 -20.19 5.69 -9.21
CA ASP A 146 -19.17 4.83 -8.62
C ASP A 146 -19.10 5.03 -7.11
N TYR A 147 -18.97 6.29 -6.67
CA TYR A 147 -18.71 6.52 -5.25
C TYR A 147 -19.96 6.33 -4.39
N TYR A 148 -21.16 6.58 -4.93
CA TYR A 148 -22.35 6.18 -4.21
C TYR A 148 -22.42 4.65 -4.13
N ARG A 149 -21.96 3.96 -5.18
CA ARG A 149 -21.89 2.51 -5.15
C ARG A 149 -20.96 2.00 -4.06
N TYR A 150 -19.80 2.66 -3.88
CA TYR A 150 -18.91 2.27 -2.79
C TYR A 150 -19.58 2.50 -1.43
N LEU A 151 -20.38 3.57 -1.31
CA LEU A 151 -21.14 3.74 -0.08
C LEU A 151 -22.19 2.64 0.07
N ALA A 152 -22.84 2.26 -1.04
CA ALA A 152 -23.86 1.22 -1.03
C ALA A 152 -23.27 -0.11 -0.60
N GLU A 153 -22.03 -0.42 -1.05
CA GLU A 153 -21.37 -1.66 -0.68
C GLU A 153 -21.30 -1.82 0.82
N VAL A 154 -21.43 -0.71 1.55
CA VAL A 154 -21.15 -0.65 2.97
C VAL A 154 -22.32 -0.13 3.78
N ALA A 155 -23.41 0.28 3.16
CA ALA A 155 -24.57 0.78 3.88
C ALA A 155 -25.45 -0.37 4.37
N ALA A 156 -26.27 -0.06 5.38
CA ALA A 156 -27.26 -1.03 5.86
C ALA A 156 -28.52 -0.30 6.33
N GLY A 157 -29.68 -0.75 5.83
CA GLY A 157 -30.96 -0.34 6.37
C GLY A 157 -31.50 0.97 5.86
N ASP A 158 -31.63 1.96 6.76
CA ASP A 158 -32.31 3.21 6.42
C ASP A 158 -31.64 3.91 5.24
N ASP A 159 -30.36 4.27 5.41
CA ASP A 159 -29.68 5.07 4.40
C ASP A 159 -29.40 4.29 3.13
N LYS A 160 -29.46 2.95 3.17
CA LYS A 160 -29.06 2.20 1.99
C LYS A 160 -29.99 2.45 0.81
N LYS A 161 -31.31 2.53 1.06
CA LYS A 161 -32.26 2.78 -0.02
C LYS A 161 -31.89 4.05 -0.79
N GLY A 162 -31.72 5.15 -0.07
CA GLY A 162 -31.40 6.40 -0.73
C GLY A 162 -30.05 6.39 -1.40
N ILE A 163 -29.07 5.71 -0.79
CA ILE A 163 -27.73 5.66 -1.38
C ILE A 163 -27.75 4.86 -2.68
N VAL A 164 -28.41 3.71 -2.68
CA VAL A 164 -28.61 2.94 -3.91
C VAL A 164 -29.27 3.82 -4.98
N ASP A 165 -30.26 4.62 -4.56
CA ASP A 165 -31.01 5.46 -5.50
C ASP A 165 -30.13 6.53 -6.14
N GLN A 166 -29.29 7.19 -5.32
CA GLN A 166 -28.41 8.21 -5.87
C GLN A 166 -27.47 7.59 -6.89
N SER A 167 -26.94 6.41 -6.59
CA SER A 167 -26.03 5.73 -7.51
C SER A 167 -26.73 5.42 -8.82
N GLN A 168 -27.93 4.86 -8.73
CA GLN A 168 -28.66 4.50 -9.94
C GLN A 168 -28.95 5.74 -10.78
N GLN A 169 -29.40 6.82 -10.15
CA GLN A 169 -29.80 8.01 -10.90
C GLN A 169 -28.61 8.65 -11.59
N ALA A 170 -27.45 8.66 -10.92
CA ALA A 170 -26.24 9.19 -11.55
C ALA A 170 -25.84 8.38 -12.77
N TYR A 171 -25.76 7.04 -12.62
CA TYR A 171 -25.42 6.16 -13.74
C TYR A 171 -26.38 6.34 -14.92
N GLN A 172 -27.66 6.38 -14.70
CA GLN A 172 -28.62 6.45 -15.78
C GLN A 172 -28.51 7.70 -16.60
N GLU A 173 -28.37 8.79 -15.90
CA GLU A 173 -28.19 10.05 -16.62
C GLU A 173 -26.91 9.99 -17.44
N ALA A 174 -25.82 9.54 -16.82
CA ALA A 174 -24.57 9.35 -17.55
C ALA A 174 -24.77 8.44 -18.75
N PHE A 175 -25.50 7.33 -18.54
CA PHE A 175 -25.75 6.33 -19.55
C PHE A 175 -26.50 6.94 -20.73
N GLU A 176 -27.57 7.68 -20.43
CA GLU A 176 -28.36 8.30 -21.49
C GLU A 176 -27.53 9.33 -22.25
N ILE A 177 -26.80 10.18 -21.53
CA ILE A 177 -25.98 11.15 -22.26
C ILE A 177 -24.96 10.44 -23.13
N SER A 178 -24.32 9.38 -22.59
CA SER A 178 -23.23 8.74 -23.34
C SER A 178 -23.76 8.02 -24.57
N LYS A 179 -24.95 7.41 -24.49
CA LYS A 179 -25.47 6.79 -25.70
C LYS A 179 -25.91 7.83 -26.72
N LYS A 180 -26.25 9.04 -26.28
CA LYS A 180 -26.68 10.04 -27.25
C LYS A 180 -25.50 10.77 -27.88
N GLU A 181 -24.34 10.85 -27.21
CA GLU A 181 -23.27 11.70 -27.71
C GLU A 181 -21.96 10.98 -28.04
N MET A 182 -21.67 9.82 -27.45
CA MET A 182 -20.39 9.16 -27.61
C MET A 182 -20.52 7.92 -28.48
N GLN A 183 -19.45 7.55 -29.12
CA GLN A 183 -19.43 6.36 -29.93
C GLN A 183 -19.47 5.14 -29.04
N PRO A 184 -19.95 4.03 -29.55
CA PRO A 184 -20.00 2.82 -28.72
C PRO A 184 -18.64 2.29 -28.29
N THR A 185 -17.53 2.73 -28.91
CA THR A 185 -16.20 2.28 -28.54
C THR A 185 -15.46 3.22 -27.61
N HIS A 186 -16.07 4.35 -27.25
CA HIS A 186 -15.40 5.31 -26.37
C HIS A 186 -15.17 4.68 -25.00
N PRO A 187 -13.93 4.71 -24.48
CA PRO A 187 -13.68 4.05 -23.19
C PRO A 187 -14.52 4.60 -22.05
N ILE A 188 -14.93 5.87 -22.10
CA ILE A 188 -15.77 6.37 -21.01
C ILE A 188 -17.17 5.76 -21.09
N ARG A 189 -17.73 5.70 -22.31
CA ARG A 189 -19.00 5.03 -22.50
C ARG A 189 -18.91 3.56 -22.14
N LEU A 190 -17.83 2.89 -22.55
CA LEU A 190 -17.68 1.47 -22.24
C LEU A 190 -17.48 1.25 -20.75
N GLY A 191 -16.59 2.05 -20.12
CA GLY A 191 -16.38 1.91 -18.69
C GLY A 191 -17.65 2.13 -17.88
N LEU A 192 -18.42 3.14 -18.28
CA LEU A 192 -19.70 3.40 -17.63
C LEU A 192 -20.62 2.19 -17.72
N ALA A 193 -20.69 1.57 -18.91
CA ALA A 193 -21.54 0.38 -19.04
C ALA A 193 -21.02 -0.75 -18.16
N LEU A 194 -19.71 -0.86 -18.04
CA LEU A 194 -19.14 -1.92 -17.24
C LEU A 194 -19.52 -1.72 -15.79
N ASN A 195 -19.38 -0.48 -15.29
CA ASN A 195 -19.66 -0.21 -13.88
C ASN A 195 -21.16 -0.24 -13.60
N PHE A 196 -21.97 0.29 -14.51
CA PHE A 196 -23.42 0.22 -14.36
C PHE A 196 -23.90 -1.22 -14.28
N SER A 197 -23.38 -2.10 -15.15
CA SER A 197 -23.75 -3.52 -15.08
C SER A 197 -23.38 -4.12 -13.72
N VAL A 198 -22.18 -3.80 -13.22
CA VAL A 198 -21.77 -4.33 -11.93
C VAL A 198 -22.68 -3.77 -10.84
N PHE A 199 -23.11 -2.52 -10.98
CA PHE A 199 -24.09 -2.00 -10.03
C PHE A 199 -25.37 -2.83 -10.01
N TYR A 200 -25.88 -3.19 -11.20
CA TYR A 200 -27.08 -4.01 -11.24
C TYR A 200 -26.85 -5.38 -10.64
N TYR A 201 -25.68 -5.97 -10.93
CA TYR A 201 -25.38 -7.30 -10.43
C TYR A 201 -25.15 -7.29 -8.93
N GLU A 202 -24.25 -6.43 -8.46
CA GLU A 202 -23.79 -6.53 -7.08
C GLU A 202 -24.67 -5.75 -6.10
N ILE A 203 -25.21 -4.61 -6.50
CA ILE A 203 -25.97 -3.77 -5.56
C ILE A 203 -27.47 -4.07 -5.64
N LEU A 204 -28.03 -4.17 -6.84
CA LEU A 204 -29.45 -4.43 -6.99
C LEU A 204 -29.76 -5.92 -7.10
N ASN A 205 -28.75 -6.79 -7.17
CA ASN A 205 -28.97 -8.23 -7.24
C ASN A 205 -29.87 -8.61 -8.41
N SER A 206 -29.64 -7.99 -9.56
CA SER A 206 -30.40 -8.28 -10.79
C SER A 206 -29.44 -8.76 -11.87
N PRO A 207 -29.08 -10.05 -11.85
CA PRO A 207 -28.07 -10.54 -12.83
C PRO A 207 -28.50 -10.46 -14.29
N GLU A 208 -29.79 -10.70 -14.59
CA GLU A 208 -30.26 -10.65 -15.97
C GLU A 208 -30.05 -9.28 -16.58
N LYS A 209 -30.43 -8.23 -15.84
CA LYS A 209 -30.23 -6.86 -16.32
C LYS A 209 -28.75 -6.54 -16.42
N ALA A 210 -27.95 -7.00 -15.46
CA ALA A 210 -26.50 -6.78 -15.50
C ALA A 210 -25.91 -7.40 -16.76
N CYS A 211 -26.31 -8.64 -17.05
CA CYS A 211 -25.80 -9.35 -18.22
C CYS A 211 -26.25 -8.66 -19.51
N SER A 212 -27.52 -8.28 -19.58
CA SER A 212 -28.03 -7.67 -20.81
C SER A 212 -27.37 -6.33 -21.06
N LEU A 213 -27.16 -5.54 -20.01
CA LEU A 213 -26.49 -4.25 -20.19
C LEU A 213 -25.03 -4.44 -20.61
N ALA A 214 -24.37 -5.49 -20.13
CA ALA A 214 -22.98 -5.75 -20.53
C ALA A 214 -22.89 -6.35 -21.92
N LYS A 215 -23.78 -7.30 -22.25
CA LYS A 215 -23.78 -7.90 -23.58
C LYS A 215 -24.07 -6.85 -24.64
N THR A 216 -25.06 -5.99 -24.39
CA THR A 216 -25.42 -4.96 -25.35
C THR A 216 -24.24 -4.02 -25.60
N ALA A 217 -23.58 -3.56 -24.55
CA ALA A 217 -22.44 -2.66 -24.72
C ALA A 217 -21.31 -3.35 -25.46
N PHE A 218 -21.04 -4.62 -25.14
CA PHE A 218 -20.00 -5.35 -25.87
C PHE A 218 -20.35 -5.45 -27.35
N ASP A 219 -21.60 -5.79 -27.65
CA ASP A 219 -21.98 -6.05 -29.03
C ASP A 219 -22.04 -4.78 -29.86
N GLU A 220 -22.40 -3.65 -29.25
CA GLU A 220 -22.44 -2.40 -30.01
C GLU A 220 -21.02 -1.88 -30.27
N ALA A 221 -20.05 -2.23 -29.42
CA ALA A 221 -18.67 -1.88 -29.71
C ALA A 221 -18.13 -2.74 -30.85
N ILE A 222 -18.37 -4.05 -30.78
CA ILE A 222 -17.88 -4.97 -31.81
C ILE A 222 -18.40 -4.57 -33.19
N ALA A 223 -19.61 -4.01 -33.25
CA ALA A 223 -20.20 -3.73 -34.54
C ALA A 223 -19.65 -2.48 -35.20
N GLU A 224 -18.89 -1.65 -34.47
CA GLU A 224 -18.35 -0.41 -35.03
C GLU A 224 -16.90 -0.25 -34.58
N LEU A 225 -16.05 -1.22 -34.91
CA LEU A 225 -14.65 -1.10 -34.53
C LEU A 225 -13.88 -0.12 -35.41
N ASP A 226 -14.50 0.35 -36.50
CA ASP A 226 -13.94 1.42 -37.31
C ASP A 226 -13.87 2.74 -36.55
N THR A 227 -14.60 2.87 -35.45
CA THR A 227 -14.62 4.09 -34.66
C THR A 227 -13.55 4.12 -33.57
N LEU A 228 -12.73 3.08 -33.45
CA LEU A 228 -11.65 3.14 -32.48
C LEU A 228 -10.65 4.18 -32.93
N SER A 229 -10.22 5.03 -32.01
CA SER A 229 -9.12 5.93 -32.27
C SER A 229 -7.83 5.31 -31.73
N GLU A 230 -6.71 5.70 -32.35
CA GLU A 230 -5.42 5.19 -31.91
C GLU A 230 -5.08 5.64 -30.51
N GLU A 231 -5.55 6.82 -30.09
CA GLU A 231 -5.21 7.32 -28.77
C GLU A 231 -5.84 6.50 -27.66
N SER A 232 -6.98 5.87 -27.92
CA SER A 232 -7.75 5.25 -26.86
C SER A 232 -8.10 3.80 -27.16
N TYR A 233 -7.64 3.23 -28.29
CA TYR A 233 -8.13 1.89 -28.63
C TYR A 233 -7.67 0.85 -27.62
N LYS A 234 -6.53 1.06 -26.96
CA LYS A 234 -6.05 0.10 -25.94
C LYS A 234 -7.02 0.05 -24.77
N ASP A 235 -7.42 1.23 -24.25
CA ASP A 235 -8.41 1.24 -23.19
C ASP A 235 -9.73 0.65 -23.66
N SER A 236 -10.12 0.93 -24.90
CA SER A 236 -11.39 0.44 -25.41
C SER A 236 -11.40 -1.08 -25.49
N THR A 237 -10.32 -1.68 -25.99
CA THR A 237 -10.31 -3.13 -26.12
C THR A 237 -10.17 -3.82 -24.76
N LEU A 238 -9.44 -3.22 -23.82
CA LEU A 238 -9.39 -3.84 -22.49
C LEU A 238 -10.77 -3.84 -21.86
N ILE A 239 -11.47 -2.71 -21.91
CA ILE A 239 -12.77 -2.64 -21.27
C ILE A 239 -13.73 -3.63 -21.91
N MET A 240 -13.66 -3.78 -23.24
CA MET A 240 -14.50 -4.79 -23.89
C MET A 240 -14.21 -6.19 -23.34
N GLN A 241 -12.93 -6.52 -23.16
CA GLN A 241 -12.57 -7.82 -22.61
C GLN A 241 -13.11 -7.98 -21.19
N LEU A 242 -13.08 -6.91 -20.39
CA LEU A 242 -13.60 -6.97 -19.03
C LEU A 242 -15.11 -7.18 -19.02
N LEU A 243 -15.83 -6.48 -19.89
CA LEU A 243 -17.25 -6.72 -20.04
C LEU A 243 -17.52 -8.20 -20.33
N ARG A 244 -16.80 -8.77 -21.29
CA ARG A 244 -17.08 -10.15 -21.64
C ARG A 244 -16.68 -11.10 -20.52
N ASP A 245 -15.64 -10.74 -19.74
CA ASP A 245 -15.28 -11.56 -18.59
C ASP A 245 -16.37 -11.54 -17.51
N ASN A 246 -16.94 -10.36 -17.24
CA ASN A 246 -18.05 -10.30 -16.29
C ASN A 246 -19.22 -11.17 -16.76
N LEU A 247 -19.53 -11.10 -18.04
CA LEU A 247 -20.59 -11.91 -18.63
C LEU A 247 -20.30 -13.39 -18.44
N THR A 248 -19.07 -13.81 -18.75
CA THR A 248 -18.72 -15.23 -18.63
C THR A 248 -18.80 -15.68 -17.18
N LEU A 249 -18.43 -14.81 -16.25
CA LEU A 249 -18.55 -15.15 -14.83
C LEU A 249 -20.02 -15.27 -14.44
N TRP A 250 -20.85 -14.34 -14.87
CA TRP A 250 -22.24 -14.29 -14.41
C TRP A 250 -23.11 -15.35 -15.07
N THR A 251 -22.76 -15.78 -16.28
CA THR A 251 -23.51 -16.75 -17.05
C THR A 251 -23.16 -18.19 -16.71
N SER A 252 -22.12 -18.40 -15.90
CA SER A 252 -21.84 -19.74 -15.40
C SER A 252 -22.40 -19.97 -14.01
N ASP A 253 -22.70 -18.89 -13.28
CA ASP A 253 -23.52 -18.97 -12.08
C ASP A 253 -25.00 -18.90 -12.46
N THR A 254 -25.50 -17.70 -12.74
CA THR A 254 -26.87 -17.51 -13.19
C THR A 254 -27.04 -17.91 -14.65
N MET B 23 -6.52 -1.71 26.48
CA MET B 23 -5.28 -1.65 27.25
C MET B 23 -4.96 -3.00 27.89
N ASP B 24 -5.36 -4.08 27.22
CA ASP B 24 -4.97 -5.44 27.58
C ASP B 24 -4.02 -5.99 26.52
N LYS B 25 -2.98 -6.68 26.97
CA LYS B 25 -1.88 -7.06 26.09
C LYS B 25 -2.35 -8.00 24.98
N ASN B 26 -3.06 -9.07 25.33
N ASN B 26 -3.07 -9.06 25.34
CA ASN B 26 -3.48 -10.01 24.29
CA ASN B 26 -3.51 -10.04 24.34
C ASN B 26 -4.46 -9.36 23.32
C ASN B 26 -4.52 -9.43 23.36
N GLU B 27 -5.35 -8.49 23.82
CA GLU B 27 -6.29 -7.83 22.92
C GLU B 27 -5.58 -6.92 21.94
N LEU B 28 -4.54 -6.20 22.39
CA LEU B 28 -3.81 -5.35 21.47
C LEU B 28 -3.05 -6.18 20.44
N VAL B 29 -2.56 -7.36 20.85
CA VAL B 29 -1.88 -8.22 19.90
C VAL B 29 -2.86 -8.72 18.84
N GLN B 30 -4.07 -9.13 19.23
CA GLN B 30 -5.04 -9.60 18.24
C GLN B 30 -5.46 -8.47 17.30
N LYS B 31 -5.66 -7.28 17.83
CA LYS B 31 -5.94 -6.15 16.95
C LYS B 31 -4.78 -5.93 15.98
N ALA B 32 -3.55 -6.16 16.44
CA ALA B 32 -2.38 -6.00 15.57
C ALA B 32 -2.40 -7.02 14.43
N LYS B 33 -2.84 -8.26 14.70
CA LYS B 33 -2.84 -9.20 13.59
C LYS B 33 -4.03 -8.98 12.66
N LEU B 34 -5.12 -8.39 13.17
CA LEU B 34 -6.20 -7.95 12.29
C LEU B 34 -5.70 -6.86 11.35
N ALA B 35 -5.05 -5.84 11.91
CA ALA B 35 -4.48 -4.77 11.10
C ALA B 35 -3.53 -5.34 10.05
N GLU B 36 -2.74 -6.33 10.41
CA GLU B 36 -1.79 -6.84 9.44
C GLU B 36 -2.50 -7.49 8.27
N GLN B 37 -3.56 -8.25 8.57
CA GLN B 37 -4.32 -8.90 7.51
C GLN B 37 -5.03 -7.88 6.63
N ALA B 38 -5.32 -6.69 7.16
CA ALA B 38 -5.94 -5.62 6.40
C ALA B 38 -4.92 -4.72 5.76
N GLU B 39 -3.65 -5.05 5.92
CA GLU B 39 -2.54 -4.25 5.40
C GLU B 39 -2.63 -2.81 5.84
N ARG B 40 -3.02 -2.60 7.10
CA ARG B 40 -3.09 -1.28 7.71
C ARG B 40 -1.96 -1.18 8.73
N TYR B 41 -0.75 -0.93 8.23
CA TYR B 41 0.44 -1.13 9.06
C TYR B 41 0.67 -0.01 10.07
N ASP B 42 0.15 1.19 9.84
CA ASP B 42 0.19 2.19 10.90
C ASP B 42 -0.59 1.71 12.12
N ASP B 43 -1.81 1.17 11.91
CA ASP B 43 -2.56 0.60 13.03
C ASP B 43 -1.76 -0.52 13.69
N MET B 44 -1.18 -1.40 12.88
CA MET B 44 -0.47 -2.54 13.44
C MET B 44 0.75 -2.08 14.23
N ALA B 45 1.46 -1.05 13.75
CA ALA B 45 2.60 -0.56 14.49
C ALA B 45 2.16 0.13 15.78
N ALA B 46 1.05 0.86 15.74
CA ALA B 46 0.59 1.56 16.94
C ALA B 46 0.18 0.58 18.04
N CYS B 47 -0.41 -0.55 17.65
CA CYS B 47 -0.75 -1.58 18.61
C CYS B 47 0.49 -2.11 19.32
N MET B 48 1.51 -2.47 18.55
CA MET B 48 2.62 -3.12 19.22
C MET B 48 3.57 -2.15 19.88
N LYS B 49 3.51 -0.86 19.53
CA LYS B 49 4.14 0.12 20.40
C LYS B 49 3.44 0.15 21.75
N SER B 50 2.11 0.14 21.74
CA SER B 50 1.36 0.08 23.00
C SER B 50 1.72 -1.17 23.79
N VAL B 51 1.86 -2.32 23.12
CA VAL B 51 2.25 -3.53 23.85
C VAL B 51 3.64 -3.35 24.45
N THR B 52 4.60 -2.87 23.64
CA THR B 52 5.95 -2.67 24.13
C THR B 52 5.99 -1.74 25.33
N GLU B 53 5.23 -0.64 25.26
CA GLU B 53 5.23 0.35 26.34
C GLU B 53 4.70 -0.20 27.65
N GLN B 54 4.05 -1.37 27.64
CA GLN B 54 3.60 -1.93 28.91
C GLN B 54 4.74 -2.56 29.71
N GLY B 55 5.98 -2.51 29.21
CA GLY B 55 7.16 -2.83 30.00
C GLY B 55 7.60 -4.28 30.00
N ALA B 56 6.69 -5.23 29.76
CA ALA B 56 7.08 -6.63 29.82
C ALA B 56 7.85 -7.05 28.58
N GLU B 57 8.81 -7.95 28.79
CA GLU B 57 9.54 -8.56 27.69
C GLU B 57 8.57 -9.15 26.68
N LEU B 58 8.86 -8.92 25.40
CA LEU B 58 7.99 -9.42 24.34
C LEU B 58 8.24 -10.90 24.09
N SER B 59 7.17 -11.62 23.81
CA SER B 59 7.29 -12.99 23.35
C SER B 59 7.81 -13.00 21.91
N ASN B 60 8.06 -14.20 21.40
CA ASN B 60 8.55 -14.29 20.03
C ASN B 60 7.50 -13.79 19.04
N GLU B 61 6.23 -14.07 19.31
CA GLU B 61 5.17 -13.62 18.42
C GLU B 61 5.04 -12.10 18.43
N GLU B 62 5.08 -11.49 19.62
CA GLU B 62 4.93 -10.04 19.69
C GLU B 62 6.14 -9.35 19.09
N ARG B 63 7.33 -9.87 19.36
CA ARG B 63 8.54 -9.39 18.72
C ARG B 63 8.40 -9.40 17.19
N ASN B 64 7.87 -10.49 16.64
CA ASN B 64 7.74 -10.57 15.19
C ASN B 64 6.70 -9.60 14.65
N LEU B 65 5.61 -9.38 15.38
CA LEU B 65 4.61 -8.44 14.91
C LEU B 65 5.10 -7.01 15.01
N LEU B 66 5.90 -6.69 16.03
CA LEU B 66 6.49 -5.35 16.10
C LEU B 66 7.45 -5.14 14.94
N SER B 67 8.21 -6.17 14.59
CA SER B 67 9.16 -6.06 13.50
C SER B 67 8.44 -5.88 12.16
N VAL B 68 7.45 -6.73 11.88
CA VAL B 68 6.78 -6.65 10.57
C VAL B 68 6.08 -5.31 10.42
N ALA B 69 5.37 -4.87 11.46
CA ALA B 69 4.69 -3.58 11.40
C ALA B 69 5.62 -2.46 10.97
N TYR B 70 6.67 -2.21 11.75
CA TYR B 70 7.52 -1.06 11.51
C TYR B 70 8.35 -1.23 10.25
N LYS B 71 8.68 -2.47 9.88
CA LYS B 71 9.35 -2.70 8.61
C LYS B 71 8.50 -2.18 7.45
N ASN B 72 7.19 -2.38 7.52
CA ASN B 72 6.30 -1.90 6.46
C ASN B 72 6.13 -0.39 6.52
N VAL B 73 5.99 0.16 7.73
CA VAL B 73 5.82 1.61 7.89
C VAL B 73 7.07 2.35 7.40
N VAL B 74 8.25 1.87 7.78
CA VAL B 74 9.47 2.54 7.33
C VAL B 74 9.74 2.24 5.85
N GLY B 75 9.37 1.04 5.38
CA GLY B 75 9.68 0.67 4.02
C GLY B 75 8.99 1.52 2.98
N ALA B 76 7.74 1.91 3.25
CA ALA B 76 7.04 2.81 2.32
C ALA B 76 7.80 4.12 2.19
N ARG B 77 8.28 4.67 3.31
CA ARG B 77 8.96 5.95 3.22
C ARG B 77 10.30 5.79 2.52
N ARG B 78 11.02 4.71 2.81
CA ARG B 78 12.28 4.44 2.12
C ARG B 78 12.07 4.38 0.62
N SER B 79 11.03 3.65 0.19
CA SER B 79 10.75 3.50 -1.23
C SER B 79 10.41 4.84 -1.85
N SER B 80 9.49 5.57 -1.21
CA SER B 80 9.16 6.92 -1.68
C SER B 80 10.40 7.82 -1.70
N TRP B 81 11.27 7.69 -0.70
CA TRP B 81 12.45 8.54 -0.64
C TRP B 81 13.36 8.31 -1.84
N ARG B 82 13.55 7.04 -2.23
CA ARG B 82 14.45 6.76 -3.35
C ARG B 82 13.89 7.32 -4.67
N VAL B 83 12.58 7.25 -4.87
CA VAL B 83 11.98 7.75 -6.10
C VAL B 83 12.16 9.27 -6.20
N VAL B 84 11.83 9.98 -5.12
CA VAL B 84 11.91 11.44 -5.14
C VAL B 84 13.36 11.90 -5.15
N SER B 85 14.25 11.17 -4.48
CA SER B 85 15.66 11.52 -4.55
C SER B 85 16.19 11.41 -5.98
N SER B 86 15.78 10.35 -6.69
CA SER B 86 16.26 10.17 -8.06
C SER B 86 15.72 11.24 -8.99
N ILE B 87 14.46 11.63 -8.79
CA ILE B 87 13.89 12.72 -9.57
C ILE B 87 14.62 14.02 -9.29
N GLU B 88 14.98 14.26 -8.01
CA GLU B 88 15.65 15.53 -7.74
C GLU B 88 17.11 15.51 -8.18
N GLN B 89 17.69 14.33 -8.38
CA GLN B 89 19.02 14.26 -9.00
C GLN B 89 18.95 14.60 -10.49
N LYS B 90 17.95 14.07 -11.21
CA LYS B 90 17.83 14.24 -12.65
C LYS B 90 17.24 15.59 -13.07
N THR B 91 17.01 16.52 -12.13
CA THR B 91 16.32 17.79 -12.39
C THR B 91 17.25 19.00 -12.27
N GLU B 92 18.56 18.79 -12.47
CA GLU B 92 19.59 19.75 -12.08
C GLU B 92 19.46 21.12 -12.75
N GLY B 93 18.81 21.22 -13.90
CA GLY B 93 18.78 22.46 -14.66
C GLY B 93 17.51 23.29 -14.64
N ALA B 94 16.44 22.80 -13.98
CA ALA B 94 15.14 23.48 -13.87
C ALA B 94 14.90 23.87 -12.40
N GLU B 95 15.14 25.14 -12.08
CA GLU B 95 15.19 25.59 -10.69
C GLU B 95 13.88 25.29 -9.96
N LYS B 96 12.74 25.67 -10.54
CA LYS B 96 11.48 25.56 -9.82
C LYS B 96 11.09 24.10 -9.60
N LYS B 97 11.35 23.24 -10.58
CA LYS B 97 11.02 21.83 -10.42
C LYS B 97 11.95 21.16 -9.42
N GLN B 98 13.24 21.51 -9.43
CA GLN B 98 14.16 20.91 -8.46
C GLN B 98 13.84 21.36 -7.04
N GLN B 99 13.45 22.62 -6.87
CA GLN B 99 13.09 23.09 -5.54
C GLN B 99 11.90 22.32 -4.97
N MET B 100 10.96 21.94 -5.84
CA MET B 100 9.79 21.20 -5.35
C MET B 100 10.13 19.75 -5.03
N ALA B 101 10.93 19.09 -5.89
CA ALA B 101 11.35 17.73 -5.59
C ALA B 101 12.20 17.68 -4.33
N ARG B 102 13.06 18.69 -4.14
CA ARG B 102 13.86 18.76 -2.93
C ARG B 102 12.99 18.87 -1.69
N GLU B 103 12.00 19.77 -1.71
CA GLU B 103 11.18 20.00 -0.53
C GLU B 103 10.31 18.78 -0.22
N TYR B 104 9.84 18.08 -1.25
CA TYR B 104 9.08 16.86 -1.01
C TYR B 104 9.97 15.76 -0.46
N ARG B 105 11.18 15.60 -1.01
CA ARG B 105 12.09 14.59 -0.47
C ARG B 105 12.40 14.85 1.00
N GLU B 106 12.58 16.12 1.39
CA GLU B 106 12.83 16.42 2.79
C GLU B 106 11.60 16.16 3.66
N LYS B 107 10.40 16.31 3.10
CA LYS B 107 9.20 15.97 3.88
C LYS B 107 9.14 14.48 4.15
N ILE B 108 9.38 13.67 3.12
CA ILE B 108 9.47 12.22 3.28
C ILE B 108 10.60 11.86 4.24
N GLU B 109 11.73 12.56 4.12
CA GLU B 109 12.89 12.28 4.95
C GLU B 109 12.56 12.48 6.43
N THR B 110 11.91 13.60 6.76
CA THR B 110 11.52 13.86 8.13
C THR B 110 10.60 12.76 8.66
N GLU B 111 9.63 12.32 7.83
CA GLU B 111 8.76 11.22 8.24
C GLU B 111 9.57 9.96 8.52
N LEU B 112 10.53 9.64 7.65
CA LEU B 112 11.35 8.45 7.82
C LEU B 112 12.17 8.53 9.10
N ARG B 113 12.70 9.71 9.43
CA ARG B 113 13.53 9.84 10.62
C ARG B 113 12.70 9.68 11.87
N ASP B 114 11.52 10.31 11.89
CA ASP B 114 10.64 10.20 13.05
C ASP B 114 10.28 8.74 13.30
N ILE B 115 10.10 7.99 12.22
CA ILE B 115 9.79 6.57 12.36
C ILE B 115 10.97 5.82 12.96
N CYS B 116 12.15 5.95 12.37
CA CYS B 116 13.34 5.29 12.92
C CYS B 116 13.54 5.69 14.37
N ASN B 117 13.46 7.00 14.66
CA ASN B 117 13.70 7.44 16.02
C ASN B 117 12.67 6.87 16.97
N ASP B 118 11.47 6.58 16.47
CA ASP B 118 10.44 5.91 17.25
C ASP B 118 10.87 4.49 17.60
N VAL B 119 11.31 3.73 16.61
CA VAL B 119 11.76 2.36 16.86
C VAL B 119 12.96 2.37 17.78
N LEU B 120 13.97 3.19 17.45
CA LEU B 120 15.20 3.22 18.23
C LEU B 120 14.95 3.64 19.67
N SER B 121 13.94 4.47 19.89
CA SER B 121 13.57 4.82 21.26
C SER B 121 12.99 3.62 22.00
N LEU B 122 12.11 2.86 21.35
CA LEU B 122 11.57 1.66 21.97
C LEU B 122 12.69 0.67 22.27
N LEU B 123 13.67 0.57 21.38
CA LEU B 123 14.77 -0.37 21.58
C LEU B 123 15.61 0.00 22.81
N GLU B 124 15.86 1.30 23.04
CA GLU B 124 16.66 1.68 24.20
C GLU B 124 15.83 1.76 25.48
N LYS B 125 14.55 2.12 25.40
CA LYS B 125 13.80 2.24 26.64
C LYS B 125 13.27 0.90 27.14
N PHE B 126 12.98 -0.04 26.25
CA PHE B 126 12.24 -1.24 26.63
C PHE B 126 12.91 -2.54 26.19
N LEU B 127 13.16 -2.70 24.90
CA LEU B 127 13.42 -4.04 24.38
C LEU B 127 14.83 -4.53 24.66
N ILE B 128 15.84 -3.69 24.45
CA ILE B 128 17.23 -4.12 24.67
C ILE B 128 17.50 -4.34 26.16
N PRO B 129 17.19 -3.38 27.05
CA PRO B 129 17.48 -3.62 28.48
C PRO B 129 16.68 -4.76 29.11
N ASN B 130 15.57 -5.16 28.51
CA ASN B 130 14.76 -6.27 29.04
C ASN B 130 15.07 -7.61 28.41
N ALA B 131 15.92 -7.65 27.38
CA ALA B 131 16.22 -8.90 26.69
C ALA B 131 16.92 -9.89 27.60
N SER B 132 16.21 -10.95 28.01
CA SER B 132 16.79 -11.90 28.97
C SER B 132 17.82 -12.83 28.33
N GLN B 133 17.49 -13.40 27.17
CA GLN B 133 18.32 -14.43 26.57
C GLN B 133 19.01 -13.89 25.32
N ALA B 134 20.10 -14.56 24.95
CA ALA B 134 20.91 -14.11 23.83
C ALA B 134 20.08 -13.91 22.56
N GLU B 135 19.12 -14.80 22.31
CA GLU B 135 18.33 -14.69 21.09
C GLU B 135 17.59 -13.37 21.06
N SER B 136 16.89 -13.02 22.14
CA SER B 136 16.22 -11.72 22.23
C SER B 136 17.23 -10.59 22.10
N LYS B 137 18.37 -10.71 22.78
CA LYS B 137 19.36 -9.64 22.74
C LYS B 137 19.89 -9.46 21.32
N VAL B 138 20.15 -10.55 20.61
CA VAL B 138 20.67 -10.44 19.25
C VAL B 138 19.60 -9.90 18.31
N PHE B 139 18.34 -10.29 18.50
CA PHE B 139 17.27 -9.78 17.66
C PHE B 139 17.16 -8.27 17.77
N TYR B 140 17.10 -7.75 19.00
CA TYR B 140 16.90 -6.32 19.19
C TYR B 140 18.15 -5.52 18.81
N LEU B 141 19.34 -6.10 18.96
CA LEU B 141 20.54 -5.39 18.50
C LEU B 141 20.61 -5.37 16.98
N LYS B 142 20.17 -6.45 16.33
CA LYS B 142 20.03 -6.44 14.88
C LYS B 142 19.08 -5.32 14.44
N MET B 143 17.94 -5.21 15.11
CA MET B 143 16.98 -4.17 14.80
C MET B 143 17.60 -2.78 14.99
N LYS B 144 18.40 -2.61 16.05
CA LYS B 144 19.05 -1.32 16.27
C LYS B 144 20.01 -0.98 15.14
N GLY B 145 20.77 -1.96 14.66
CA GLY B 145 21.64 -1.71 13.53
C GLY B 145 20.85 -1.43 12.25
N ASP B 146 19.76 -2.16 12.03
CA ASP B 146 18.94 -1.96 10.84
C ASP B 146 18.45 -0.51 10.77
N TYR B 147 17.84 -0.02 11.85
CA TYR B 147 17.20 1.29 11.78
C TYR B 147 18.19 2.44 11.79
N TYR B 148 19.36 2.27 12.40
CA TYR B 148 20.40 3.28 12.19
C TYR B 148 20.90 3.26 10.75
N ARG B 149 20.95 2.06 10.15
CA ARG B 149 21.31 1.95 8.75
C ARG B 149 20.34 2.71 7.86
N TYR B 150 19.04 2.63 8.15
CA TYR B 150 18.08 3.40 7.37
C TYR B 150 18.30 4.90 7.57
N LEU B 151 18.66 5.32 8.78
CA LEU B 151 19.02 6.71 8.99
C LEU B 151 20.29 7.06 8.22
N ALA B 152 21.25 6.13 8.16
CA ALA B 152 22.48 6.38 7.43
C ALA B 152 22.19 6.58 5.94
N GLU B 153 21.24 5.80 5.38
CA GLU B 153 20.91 5.92 3.96
C GLU B 153 20.55 7.34 3.56
N VAL B 154 20.10 8.17 4.50
CA VAL B 154 19.60 9.50 4.21
C VAL B 154 20.37 10.57 4.96
N ALA B 155 21.38 10.18 5.73
CA ALA B 155 22.16 11.17 6.43
C ALA B 155 23.16 11.81 5.47
N ALA B 156 23.62 13.01 5.84
CA ALA B 156 24.64 13.67 5.06
C ALA B 156 25.54 14.47 5.99
N GLY B 157 26.85 14.25 5.86
CA GLY B 157 27.81 15.16 6.43
C GLY B 157 28.02 15.00 7.91
N ASP B 158 27.63 16.04 8.66
CA ASP B 158 27.91 16.09 10.09
C ASP B 158 27.34 14.86 10.79
N ASP B 159 26.03 14.67 10.68
CA ASP B 159 25.38 13.60 11.43
C ASP B 159 25.73 12.21 10.91
N LYS B 160 26.19 12.08 9.66
CA LYS B 160 26.30 10.76 9.06
C LYS B 160 27.32 9.90 9.78
N LYS B 161 28.46 10.48 10.17
CA LYS B 161 29.50 9.71 10.83
C LYS B 161 28.97 9.01 12.08
N GLY B 162 28.34 9.76 12.99
CA GLY B 162 27.88 9.17 14.24
C GLY B 162 26.79 8.14 14.04
N ILE B 163 25.91 8.36 13.06
CA ILE B 163 24.83 7.42 12.80
C ILE B 163 25.39 6.11 12.26
N VAL B 164 26.31 6.18 11.30
CA VAL B 164 26.96 4.98 10.77
C VAL B 164 27.62 4.19 11.89
N ASP B 165 28.31 4.87 12.80
CA ASP B 165 28.98 4.13 13.86
C ASP B 165 27.98 3.48 14.80
N GLN B 166 26.90 4.15 15.07
CA GLN B 166 25.90 3.58 15.92
C GLN B 166 25.40 2.32 15.29
N SER B 167 25.14 2.33 14.00
CA SER B 167 24.69 1.12 13.32
C SER B 167 25.75 0.03 13.44
N GLN B 168 27.00 0.36 13.17
CA GLN B 168 28.06 -0.63 13.21
C GLN B 168 28.20 -1.26 14.59
N GLN B 169 28.18 -0.44 15.65
CA GLN B 169 28.40 -0.98 16.98
C GLN B 169 27.26 -1.89 17.40
N ALA B 170 26.03 -1.55 17.01
CA ALA B 170 24.88 -2.41 17.29
C ALA B 170 25.04 -3.77 16.62
N TYR B 171 25.30 -3.77 15.32
CA TYR B 171 25.52 -5.01 14.59
C TYR B 171 26.62 -5.85 15.23
N GLN B 172 27.75 -5.21 15.51
CA GLN B 172 28.92 -5.97 15.95
C GLN B 172 28.64 -6.70 17.26
N GLU B 173 27.95 -6.03 18.19
CA GLU B 173 27.59 -6.72 19.43
C GLU B 173 26.64 -7.88 19.15
N ALA B 174 25.62 -7.64 18.32
CA ALA B 174 24.76 -8.74 17.90
C ALA B 174 25.58 -9.86 17.27
N PHE B 175 26.54 -9.49 16.41
CA PHE B 175 27.32 -10.51 15.73
C PHE B 175 28.11 -11.35 16.71
N GLU B 176 28.82 -10.69 17.63
CA GLU B 176 29.66 -11.41 18.58
C GLU B 176 28.82 -12.32 19.45
N ILE B 177 27.69 -11.82 19.96
CA ILE B 177 26.84 -12.64 20.82
C ILE B 177 26.33 -13.85 20.04
N SER B 178 25.93 -13.64 18.79
CA SER B 178 25.34 -14.72 18.02
C SER B 178 26.36 -15.80 17.68
N LYS B 179 27.63 -15.44 17.46
CA LYS B 179 28.63 -16.45 17.15
C LYS B 179 28.96 -17.31 18.36
N LYS B 180 28.78 -16.77 19.57
CA LYS B 180 29.09 -17.51 20.79
C LYS B 180 27.93 -18.36 21.31
N GLU B 181 26.69 -18.03 20.99
CA GLU B 181 25.54 -18.67 21.64
C GLU B 181 24.57 -19.37 20.70
N MET B 182 24.53 -19.01 19.42
CA MET B 182 23.54 -19.55 18.50
C MET B 182 24.18 -20.46 17.46
N GLN B 183 23.46 -21.53 17.12
CA GLN B 183 23.93 -22.44 16.09
C GLN B 183 23.89 -21.74 14.73
N PRO B 184 24.79 -22.10 13.81
CA PRO B 184 24.87 -21.37 12.54
C PRO B 184 23.61 -21.41 11.70
N THR B 185 22.67 -22.31 11.95
CA THR B 185 21.43 -22.34 11.18
C THR B 185 20.31 -21.57 11.86
N HIS B 186 20.59 -20.95 12.99
CA HIS B 186 19.56 -20.17 13.67
C HIS B 186 19.13 -19.02 12.77
N PRO B 187 17.83 -18.88 12.50
CA PRO B 187 17.40 -17.84 11.55
C PRO B 187 17.81 -16.43 11.93
N ILE B 188 17.92 -16.13 13.22
CA ILE B 188 18.33 -14.79 13.63
C ILE B 188 19.81 -14.57 13.33
N ARG B 189 20.65 -15.57 13.60
CA ARG B 189 22.06 -15.43 13.27
C ARG B 189 22.25 -15.21 11.77
N LEU B 190 21.49 -15.97 10.95
CA LEU B 190 21.64 -15.84 9.51
C LEU B 190 21.17 -14.47 9.03
N GLY B 191 19.99 -14.04 9.49
CA GLY B 191 19.49 -12.71 9.11
C GLY B 191 20.41 -11.59 9.54
N LEU B 192 20.97 -11.69 10.75
CA LEU B 192 21.95 -10.71 11.19
C LEU B 192 23.14 -10.69 10.24
N ALA B 193 23.64 -11.86 9.85
CA ALA B 193 24.74 -11.89 8.89
C ALA B 193 24.33 -11.27 7.57
N LEU B 194 23.10 -11.49 7.15
CA LEU B 194 22.63 -10.98 5.88
C LEU B 194 22.60 -9.46 5.88
N ASN B 195 22.02 -8.87 6.94
CA ASN B 195 21.91 -7.42 6.96
C ASN B 195 23.26 -6.77 7.28
N PHE B 196 24.03 -7.36 8.19
CA PHE B 196 25.36 -6.83 8.49
C PHE B 196 26.23 -6.80 7.24
N SER B 197 26.19 -7.87 6.43
CA SER B 197 26.94 -7.85 5.17
C SER B 197 26.50 -6.70 4.27
N VAL B 198 25.18 -6.44 4.21
CA VAL B 198 24.68 -5.37 3.37
C VAL B 198 25.13 -4.01 3.91
N PHE B 199 25.21 -3.87 5.24
CA PHE B 199 25.78 -2.67 5.83
C PHE B 199 27.22 -2.46 5.35
N TYR B 200 28.02 -3.52 5.36
CA TYR B 200 29.39 -3.39 4.86
C TYR B 200 29.42 -3.05 3.38
N TYR B 201 28.51 -3.65 2.60
CA TYR B 201 28.51 -3.38 1.17
C TYR B 201 28.03 -1.97 0.87
N GLU B 202 26.83 -1.63 1.31
CA GLU B 202 26.20 -0.40 0.85
C GLU B 202 26.58 0.81 1.71
N ILE B 203 26.76 0.63 3.01
CA ILE B 203 27.01 1.77 3.90
C ILE B 203 28.50 2.00 4.11
N LEU B 204 29.29 0.94 4.36
CA LEU B 204 30.73 1.10 4.53
C LEU B 204 31.52 0.92 3.25
N ASN B 205 30.87 0.58 2.18
CA ASN B 205 31.56 0.47 0.94
C ASN B 205 32.74 -0.46 0.92
N SER B 206 32.61 -1.58 1.59
CA SER B 206 33.68 -2.58 1.64
C SER B 206 33.13 -3.90 1.12
N PRO B 207 33.14 -4.11 -0.20
CA PRO B 207 32.61 -5.39 -0.73
C PRO B 207 33.37 -6.61 -0.22
N GLU B 208 34.66 -6.46 0.10
CA GLU B 208 35.46 -7.59 0.58
C GLU B 208 34.85 -8.18 1.84
N LYS B 209 34.65 -7.33 2.87
CA LYS B 209 34.10 -7.80 4.13
C LYS B 209 32.66 -8.26 3.95
N ALA B 210 31.90 -7.55 3.12
CA ALA B 210 30.51 -7.97 2.90
C ALA B 210 30.47 -9.38 2.33
N CYS B 211 31.30 -9.65 1.33
CA CYS B 211 31.27 -10.95 0.69
C CYS B 211 31.73 -12.05 1.65
N SER B 212 32.83 -11.81 2.36
CA SER B 212 33.34 -12.86 3.23
C SER B 212 32.37 -13.13 4.38
N LEU B 213 31.77 -12.08 4.93
CA LEU B 213 30.81 -12.28 6.01
C LEU B 213 29.57 -13.02 5.54
N ALA B 214 29.13 -12.79 4.29
CA ALA B 214 27.98 -13.55 3.80
C ALA B 214 28.38 -14.99 3.46
N LYS B 215 29.55 -15.17 2.84
CA LYS B 215 29.99 -16.50 2.44
C LYS B 215 30.19 -17.40 3.66
N THR B 216 30.79 -16.86 4.72
CA THR B 216 31.00 -17.64 5.92
C THR B 216 29.68 -18.11 6.51
N ALA B 217 28.72 -17.19 6.62
CA ALA B 217 27.42 -17.53 7.20
C ALA B 217 26.72 -18.61 6.39
N PHE B 218 26.74 -18.48 5.06
CA PHE B 218 26.15 -19.49 4.18
C PHE B 218 26.84 -20.83 4.34
N ASP B 219 28.17 -20.83 4.37
CA ASP B 219 28.93 -22.09 4.39
C ASP B 219 28.82 -22.80 5.73
N GLU B 220 28.76 -22.06 6.83
CA GLU B 220 28.61 -22.74 8.12
C GLU B 220 27.20 -23.25 8.32
N ALA B 221 26.21 -22.60 7.69
CA ALA B 221 24.84 -23.12 7.73
C ALA B 221 24.69 -24.37 6.87
N ILE B 222 25.21 -24.32 5.63
CA ILE B 222 25.11 -25.45 4.70
C ILE B 222 25.68 -26.73 5.30
N ALA B 223 26.69 -26.61 6.19
CA ALA B 223 27.36 -27.76 6.74
C ALA B 223 26.60 -28.41 7.90
N GLU B 224 25.51 -27.79 8.36
CA GLU B 224 24.73 -28.29 9.50
C GLU B 224 23.23 -28.17 9.23
N LEU B 225 22.76 -28.75 8.14
CA LEU B 225 21.32 -28.66 7.92
C LEU B 225 20.55 -29.69 8.72
N ASP B 226 21.24 -30.68 9.33
CA ASP B 226 20.55 -31.59 10.24
C ASP B 226 20.05 -30.88 11.49
N THR B 227 20.55 -29.69 11.79
CA THR B 227 20.16 -28.94 12.98
C THR B 227 18.93 -28.08 12.76
N LEU B 228 18.34 -28.08 11.56
CA LEU B 228 17.12 -27.30 11.33
C LEU B 228 15.94 -27.94 12.04
N SER B 229 15.12 -27.10 12.66
CA SER B 229 13.84 -27.53 13.21
C SER B 229 12.70 -27.21 12.23
N GLU B 230 11.56 -27.88 12.44
CA GLU B 230 10.40 -27.61 11.60
C GLU B 230 9.90 -26.19 11.80
N GLU B 231 10.05 -25.64 13.01
CA GLU B 231 9.58 -24.28 13.27
C GLU B 231 10.42 -23.23 12.55
N SER B 232 11.68 -23.52 12.21
CA SER B 232 12.57 -22.48 11.74
C SER B 232 13.26 -22.76 10.41
N TYR B 233 13.06 -23.92 9.79
CA TYR B 233 13.82 -24.22 8.58
C TYR B 233 13.42 -23.35 7.39
N LYS B 234 12.15 -22.91 7.34
CA LYS B 234 11.71 -22.07 6.23
C LYS B 234 12.43 -20.72 6.23
N ASP B 235 12.45 -20.03 7.38
CA ASP B 235 13.16 -18.75 7.43
C ASP B 235 14.66 -18.95 7.20
N SER B 236 15.22 -20.02 7.75
CA SER B 236 16.66 -20.23 7.66
C SER B 236 17.08 -20.46 6.22
N THR B 237 16.33 -21.31 5.49
CA THR B 237 16.67 -21.60 4.11
C THR B 237 16.37 -20.42 3.19
N LEU B 238 15.36 -19.61 3.49
CA LEU B 238 15.17 -18.41 2.67
C LEU B 238 16.34 -17.45 2.85
N ILE B 239 16.75 -17.22 4.10
CA ILE B 239 17.85 -16.30 4.37
C ILE B 239 19.13 -16.79 3.71
N MET B 240 19.38 -18.10 3.75
CA MET B 240 20.55 -18.65 3.06
C MET B 240 20.51 -18.34 1.58
N GLN B 241 19.34 -18.51 0.95
CA GLN B 241 19.22 -18.22 -0.47
C GLN B 241 19.50 -16.76 -0.74
N LEU B 242 19.06 -15.87 0.16
CA LEU B 242 19.29 -14.44 -0.01
C LEU B 242 20.77 -14.12 0.13
N LEU B 243 21.44 -14.75 1.11
CA LEU B 243 22.88 -14.62 1.24
C LEU B 243 23.58 -14.95 -0.07
N ARG B 244 23.24 -16.10 -0.68
CA ARG B 244 23.91 -16.51 -1.90
C ARG B 244 23.57 -15.57 -3.05
N ASP B 245 22.35 -15.06 -3.08
CA ASP B 245 21.99 -14.11 -4.13
C ASP B 245 22.73 -12.79 -3.97
N ASN B 246 22.90 -12.31 -2.73
CA ASN B 246 23.75 -11.14 -2.52
C ASN B 246 25.16 -11.44 -3.01
N LEU B 247 25.68 -12.62 -2.69
CA LEU B 247 27.01 -13.00 -3.12
C LEU B 247 27.12 -12.99 -4.64
N THR B 248 26.14 -13.58 -5.32
CA THR B 248 26.20 -13.61 -6.79
C THR B 248 26.17 -12.20 -7.37
N LEU B 249 25.36 -11.33 -6.77
CA LEU B 249 25.29 -9.96 -7.25
C LEU B 249 26.60 -9.22 -7.03
N TRP B 250 27.19 -9.36 -5.86
CA TRP B 250 28.34 -8.52 -5.53
C TRP B 250 29.59 -8.95 -6.29
N THR B 251 29.70 -10.22 -6.66
CA THR B 251 30.93 -10.63 -7.32
C THR B 251 30.93 -10.35 -8.82
N SER B 252 29.76 -10.15 -9.43
CA SER B 252 29.72 -9.69 -10.81
C SER B 252 29.35 -8.21 -10.89
N ARG C 3 -15.02 -15.29 -8.36
CA ARG C 3 -14.06 -14.18 -8.29
C ARG C 3 -14.77 -12.83 -8.15
N GLU C 4 -14.05 -11.76 -8.45
CA GLU C 4 -14.53 -10.39 -8.27
C GLU C 4 -15.17 -9.85 -9.54
N ASN C 5 -16.01 -8.83 -9.38
CA ASN C 5 -16.63 -8.14 -10.51
C ASN C 5 -15.70 -7.05 -11.03
N ASN C 6 -15.42 -7.08 -12.33
CA ASN C 6 -14.52 -6.10 -12.92
C ASN C 6 -15.16 -4.73 -12.98
N TPO C 7 -14.47 -3.70 -12.46
CA TPO C 7 -14.86 -2.33 -12.72
CB TPO C 7 -15.37 -1.63 -11.46
CG2 TPO C 7 -16.78 -2.16 -11.20
OG1 TPO C 7 -14.47 -1.87 -10.37
P TPO C 7 -14.84 -0.93 -9.12
O1P TPO C 7 -15.93 -1.59 -8.32
O2P TPO C 7 -13.56 -0.78 -8.16
O3P TPO C 7 -15.29 0.53 -9.58
C TPO C 7 -13.68 -1.56 -13.32
O TPO C 7 -12.53 -1.99 -13.19
N HIS C 8 -13.97 -0.46 -13.98
CA HIS C 8 -12.93 0.29 -14.65
C HIS C 8 -13.09 1.79 -14.40
N PRO C 9 -11.97 2.49 -14.11
CA PRO C 9 -10.60 1.99 -13.95
C PRO C 9 -10.41 1.02 -12.76
N GLU C 10 -9.37 0.20 -12.80
CA GLU C 10 -9.17 -0.89 -11.86
C GLU C 10 -8.05 -0.58 -10.86
N TRP C 11 -7.53 -1.62 -10.21
CA TRP C 11 -6.41 -1.56 -9.27
C TRP C 11 -6.80 -0.82 -7.99
N SER C 12 -7.55 -1.48 -7.11
CA SER C 12 -7.97 -0.91 -5.84
C SER C 12 -6.78 -0.65 -4.91
N ARG D 3 18.50 -7.17 -8.24
CA ARG D 3 19.03 -5.86 -8.64
C ARG D 3 19.54 -5.05 -7.43
N GLU D 4 18.82 -5.13 -6.31
CA GLU D 4 19.17 -4.40 -5.09
C GLU D 4 19.68 -5.38 -4.02
N ASN D 5 20.16 -4.83 -2.91
CA ASN D 5 20.68 -5.65 -1.82
C ASN D 5 19.54 -6.26 -1.01
N ASN D 6 19.59 -7.55 -0.78
CA ASN D 6 18.58 -8.22 -0.02
C ASN D 6 18.79 -8.18 1.46
N TPO D 7 17.85 -7.66 2.22
CA TPO D 7 17.88 -7.69 3.67
CB TPO D 7 17.87 -6.26 4.22
CG2 TPO D 7 19.27 -5.67 4.01
OG1 TPO D 7 16.90 -5.52 3.50
P TPO D 7 16.59 -4.15 4.29
O1P TPO D 7 16.86 -4.34 5.86
O2P TPO D 7 15.05 -3.74 4.11
O3P TPO D 7 17.46 -3.08 3.75
C TPO D 7 16.70 -8.49 4.22
O TPO D 7 15.73 -8.76 3.50
N HIS D 8 16.79 -8.88 5.49
CA HIS D 8 15.71 -9.63 6.11
C HIS D 8 15.36 -9.05 7.48
N PRO D 9 14.05 -8.88 7.76
CA PRO D 9 12.88 -9.20 6.92
C PRO D 9 12.73 -8.33 5.66
N GLU D 10 12.03 -8.86 4.65
CA GLU D 10 11.88 -8.14 3.38
C GLU D 10 10.52 -7.46 3.27
N TRP D 11 10.02 -7.34 2.05
CA TRP D 11 8.69 -6.81 1.77
C TRP D 11 8.50 -5.43 2.38
N SER D 12 9.33 -4.50 1.91
CA SER D 12 9.25 -3.11 2.36
C SER D 12 8.17 -2.35 1.58
C1 GOL E . -12.30 -9.76 -28.56
O1 GOL E . -12.19 -8.59 -29.42
C2 GOL E . -12.33 -9.29 -27.11
O2 GOL E . -12.90 -8.00 -27.13
C3 GOL E . -13.06 -10.18 -26.10
O3 GOL E . -12.43 -11.44 -26.10
O1 PE4 F . -11.55 -0.05 -9.40
C1 PE4 F . -11.12 1.14 -8.73
C2 PE4 F . -12.31 2.03 -8.42
O2 PE4 F . -12.03 3.43 -8.51
C3 PE4 F . -12.50 3.97 -9.75
C4 PE4 F . -13.40 5.19 -9.53
O3 PE4 F . -13.93 5.66 -10.77
C5 PE4 F . -14.34 7.02 -10.64
C6 PE4 F . -14.47 7.70 -12.01
O4 PE4 F . -13.19 8.07 -12.55
C7 PE4 F . -12.93 7.33 -13.75
C8 PE4 F . -14.11 7.34 -14.73
O5 PE4 F . -13.99 6.18 -15.58
C9 PE4 F . -13.92 6.48 -16.97
C10 PE4 F . -12.99 5.49 -17.68
O6 PE4 F . -12.04 6.22 -18.47
C11 PE4 F . -10.69 5.76 -18.39
#